data_3T26
#
_entry.id   3T26
#
_cell.length_a   54.923
_cell.length_b   58.553
_cell.length_c   67.764
_cell.angle_alpha   90.00
_cell.angle_beta   90.00
_cell.angle_gamma   90.00
#
_symmetry.space_group_name_H-M   'P 21 21 21'
#
loop_
_entity.id
_entity.type
_entity.pdbx_description
1 polymer 'Cationic trypsin'
2 non-polymer 'CALCIUM ION'
3 non-polymer BENZAMIDINE
4 non-polymer SARCOSINE
5 water water
#
_entity_poly.entity_id   1
_entity_poly.type   'polypeptide(L)'
_entity_poly.pdbx_seq_one_letter_code
;IVGGYTCGANTVPYQVSLNSGYHFCGGSLINSQWVVSAAHCYKSGIQVRLGEDNINVVEGNEQFISASKSIVHPSYNSNT
LNNDIMLIKLKSAASLNSRVASISLPTSCASAGTQCLISGWGNTKSSGTSYPDVLKCLKAPILSDSSCKSAYPGQITSNM
FCAGYLEGGKDSCQGDSGGPVVCSGKLQGIVSWGSGCAQKNKPGVYTKVCNYVSWIKQTIASN
;
_entity_poly.pdbx_strand_id   A
#
loop_
_chem_comp.id
_chem_comp.type
_chem_comp.name
_chem_comp.formula
BEN non-polymer BENZAMIDINE 'C7 H8 N2'
CA non-polymer 'CALCIUM ION' 'Ca 2'
#
# COMPACT_ATOMS: atom_id res chain seq x y z
N ILE A 1 1.29 3.96 -10.55
CA ILE A 1 0.01 3.41 -11.07
C ILE A 1 0.03 3.66 -12.57
N VAL A 2 -0.13 2.58 -13.32
CA VAL A 2 -0.26 2.61 -14.80
C VAL A 2 -1.75 2.48 -15.17
N GLY A 3 -2.22 3.39 -16.02
CA GLY A 3 -3.56 3.28 -16.57
C GLY A 3 -4.64 3.71 -15.59
N GLY A 4 -4.26 4.53 -14.59
CA GLY A 4 -5.20 4.97 -13.59
C GLY A 4 -5.71 6.37 -13.85
N TYR A 5 -6.18 7.03 -12.81
CA TYR A 5 -6.70 8.37 -12.94
C TYR A 5 -6.20 9.20 -11.78
N THR A 6 -6.19 10.52 -11.95
CA THR A 6 -5.83 11.43 -10.87
C THR A 6 -6.88 11.36 -9.75
N CYS A 7 -6.47 11.02 -8.53
CA CYS A 7 -7.46 10.77 -7.46
C CYS A 7 -8.28 12.02 -7.15
N GLY A 8 -7.58 13.14 -7.04
CA GLY A 8 -8.13 14.39 -6.52
C GLY A 8 -7.56 14.60 -5.12
N ALA A 9 -7.25 15.85 -4.78
CA ALA A 9 -6.61 16.14 -3.51
C ALA A 9 -7.42 15.66 -2.31
N ASN A 10 -6.76 14.85 -1.47
CA ASN A 10 -7.27 14.34 -0.21
C ASN A 10 -8.54 13.50 -0.31
N THR A 11 -8.71 12.84 -1.46
CA THR A 11 -9.82 11.91 -1.63
C THR A 11 -9.46 10.52 -1.08
N VAL A 12 -8.20 10.31 -0.73
CA VAL A 12 -7.72 9.02 -0.24
C VAL A 12 -7.00 9.36 1.07
N PRO A 13 -7.77 9.61 2.14
CA PRO A 13 -7.20 10.32 3.29
C PRO A 13 -6.24 9.48 4.18
N TYR A 14 -6.24 8.17 3.97
CA TYR A 14 -5.40 7.24 4.72
C TYR A 14 -4.08 6.97 4.00
N GLN A 15 -3.95 7.46 2.78
CA GLN A 15 -2.68 7.27 2.01
C GLN A 15 -1.52 8.06 2.62
N VAL A 16 -0.38 7.40 2.84
CA VAL A 16 0.81 8.15 3.29
C VAL A 16 1.94 7.98 2.29
N SER A 17 2.86 8.93 2.30
CA SER A 17 4.10 8.80 1.53
C SER A 17 5.21 8.56 2.56
N LEU A 18 6.09 7.58 2.29
CA LEU A 18 7.25 7.38 3.15
C LEU A 18 8.43 8.13 2.50
N ASN A 19 9.11 8.96 3.26
CA ASN A 19 10.09 9.90 2.72
C ASN A 19 11.43 9.69 3.44
N SER A 20 12.52 9.52 2.68
CA SER A 20 13.87 9.55 3.28
C SER A 20 14.71 10.56 2.51
N GLY A 21 14.19 11.79 2.33
CA GLY A 21 14.78 12.78 1.43
C GLY A 21 14.12 12.83 0.06
N TYR A 22 13.23 11.86 -0.18
CA TYR A 22 12.45 11.74 -1.43
C TYR A 22 11.44 10.65 -1.13
N HIS A 23 10.35 10.66 -1.89
CA HIS A 23 9.33 9.59 -1.75
C HIS A 23 9.92 8.28 -2.20
N PHE A 24 9.71 7.21 -1.42
CA PHE A 24 10.22 5.90 -1.86
C PHE A 24 9.18 4.76 -1.76
N CYS A 25 8.09 4.96 -0.99
CA CYS A 25 7.10 3.89 -0.80
C CYS A 25 5.84 4.53 -0.27
N GLY A 26 4.73 3.83 -0.46
CA GLY A 26 3.47 4.28 0.14
C GLY A 26 3.21 3.53 1.43
N GLY A 27 2.09 3.85 2.06
CA GLY A 27 1.71 3.17 3.30
C GLY A 27 0.29 3.57 3.59
N SER A 28 -0.29 3.00 4.65
CA SER A 28 -1.68 3.32 5.07
C SER A 28 -1.73 3.65 6.53
N LEU A 29 -2.47 4.70 6.87
CA LEU A 29 -2.66 5.07 8.27
C LEU A 29 -3.78 4.21 8.87
N ILE A 30 -3.46 3.42 9.89
CA ILE A 30 -4.46 2.52 10.50
C ILE A 30 -4.94 2.98 11.86
N ASN A 31 -4.20 3.88 12.49
CA ASN A 31 -4.73 4.70 13.60
C ASN A 31 -3.89 5.95 13.76
N SER A 32 -4.13 6.77 14.78
CA SER A 32 -3.44 8.06 14.86
C SER A 32 -1.92 7.94 15.04
N GLN A 33 -1.41 6.75 15.40
CA GLN A 33 0.03 6.66 15.66
C GLN A 33 0.76 5.53 14.90
N TRP A 34 0.03 4.81 14.05
CA TRP A 34 0.58 3.65 13.33
C TRP A 34 0.26 3.62 11.84
N VAL A 35 1.27 3.20 11.09
CA VAL A 35 1.22 3.06 9.64
C VAL A 35 1.56 1.63 9.26
N VAL A 36 0.87 1.09 8.25
CA VAL A 36 1.25 -0.20 7.74
CA VAL A 36 1.15 -0.25 7.69
C VAL A 36 1.78 -0.03 6.31
N SER A 37 2.90 -0.69 6.04
CA SER A 37 3.54 -0.64 4.71
C SER A 37 4.07 -2.05 4.36
N ALA A 38 4.85 -2.16 3.30
CA ALA A 38 5.48 -3.41 2.89
C ALA A 38 6.84 -3.53 3.57
N ALA A 39 7.19 -4.73 4.05
CA ALA A 39 8.51 -4.98 4.64
C ALA A 39 9.65 -4.69 3.67
N HIS A 40 9.41 -4.88 2.37
CA HIS A 40 10.48 -4.60 1.39
C HIS A 40 10.75 -3.07 1.23
N CYS A 41 9.87 -2.26 1.81
CA CYS A 41 10.08 -0.83 1.94
C CYS A 41 10.96 -0.44 3.13
N TYR A 42 11.43 -1.41 3.92
CA TYR A 42 12.16 -1.06 5.16
C TYR A 42 13.41 -0.22 4.88
N LYS A 43 13.58 0.83 5.70
CA LYS A 43 14.73 1.73 5.73
C LYS A 43 14.86 2.29 7.13
N SER A 44 16.04 2.76 7.50
CA SER A 44 16.09 3.58 8.75
C SER A 44 15.95 5.05 8.31
N GLY A 45 15.55 5.92 9.22
CA GLY A 45 15.41 7.34 8.88
C GLY A 45 14.18 7.67 8.04
N ILE A 46 13.05 7.07 8.38
CA ILE A 46 11.77 7.32 7.67
C ILE A 46 11.02 8.52 8.26
N GLN A 47 10.60 9.44 7.40
CA GLN A 47 9.57 10.42 7.80
C GLN A 47 8.26 10.07 7.11
N VAL A 48 7.18 10.04 7.86
CA VAL A 48 5.88 9.72 7.29
C VAL A 48 5.21 11.04 6.89
N ARG A 49 4.71 11.13 5.65
CA ARG A 49 4.06 12.38 5.22
C ARG A 49 2.59 12.10 4.97
N LEU A 50 1.76 12.76 5.77
CA LEU A 50 0.31 12.57 5.71
C LEU A 50 -0.36 13.75 5.01
N GLY A 51 -1.58 13.55 4.47
CA GLY A 51 -2.32 14.70 3.93
C GLY A 51 -1.76 15.22 2.60
N GLU A 52 -0.97 14.38 1.91
CA GLU A 52 -0.29 14.76 0.67
C GLU A 52 -1.19 14.61 -0.53
N ASP A 53 -1.07 15.55 -1.46
CA ASP A 53 -1.47 15.32 -2.83
C ASP A 53 -0.25 15.48 -3.73
N ASN A 54 0.16 16.71 -4.00
CA ASN A 54 1.36 16.91 -4.76
C ASN A 54 2.55 16.78 -3.78
N ILE A 55 3.38 15.76 -3.98
CA ILE A 55 4.48 15.49 -3.04
C ILE A 55 5.67 16.44 -3.21
N ASN A 56 5.57 17.36 -4.18
CA ASN A 56 6.63 18.32 -4.40
C ASN A 56 6.25 19.74 -4.07
N VAL A 57 5.04 19.96 -3.56
CA VAL A 57 4.53 21.30 -3.28
C VAL A 57 3.87 21.26 -1.91
N VAL A 58 4.16 22.24 -1.03
CA VAL A 58 3.43 22.30 0.25
C VAL A 58 2.11 22.99 -0.04
N GLU A 59 1.01 22.23 0.13
CA GLU A 59 -0.32 22.69 -0.30
C GLU A 59 -1.19 23.10 0.88
N GLY A 60 -0.81 22.71 2.09
CA GLY A 60 -1.50 23.18 3.31
C GLY A 60 -2.15 22.14 4.20
N ASN A 61 -2.27 20.90 3.74
CA ASN A 61 -2.93 19.88 4.58
C ASN A 61 -1.99 18.82 5.09
N GLU A 62 -0.69 19.02 4.87
CA GLU A 62 0.29 18.00 5.22
C GLU A 62 0.63 17.95 6.71
N GLN A 63 0.95 16.74 7.18
CA GLN A 63 1.55 16.56 8.50
C GLN A 63 2.79 15.72 8.25
N PHE A 64 3.96 16.21 8.67
CA PHE A 64 5.19 15.45 8.52
C PHE A 64 5.62 14.95 9.89
N ILE A 65 5.72 13.63 10.08
CA ILE A 65 6.02 13.07 11.41
C ILE A 65 7.06 11.96 11.26
N SER A 66 8.15 12.04 12.02
CA SER A 66 9.16 11.00 11.99
C SER A 66 8.69 9.68 12.61
N ALA A 67 9.21 8.57 12.10
CA ALA A 67 8.99 7.26 12.71
C ALA A 67 9.85 7.10 14.00
N SER A 68 9.25 6.54 15.06
CA SER A 68 10.02 6.22 16.27
C SER A 68 10.46 4.75 16.29
N LYS A 69 9.73 3.92 15.57
CA LYS A 69 9.99 2.49 15.59
C LYS A 69 9.43 1.83 14.35
N SER A 70 10.18 0.91 13.77
CA SER A 70 9.66 0.08 12.65
C SER A 70 9.74 -1.38 13.06
N ILE A 71 8.73 -2.14 12.68
CA ILE A 71 8.67 -3.56 13.00
C ILE A 71 8.33 -4.32 11.72
N VAL A 72 9.33 -5.02 11.17
CA VAL A 72 9.12 -5.88 10.02
C VAL A 72 8.51 -7.20 10.51
N HIS A 73 7.59 -7.79 9.72
CA HIS A 73 6.96 -9.04 10.16
C HIS A 73 8.04 -10.06 10.54
N PRO A 74 7.83 -10.80 11.63
CA PRO A 74 8.88 -11.74 12.09
C PRO A 74 9.25 -12.82 11.05
N SER A 75 8.36 -13.14 10.12
CA SER A 75 8.59 -14.19 9.13
C SER A 75 8.77 -13.65 7.72
N TYR A 76 9.04 -12.36 7.60
CA TYR A 76 9.31 -11.80 6.28
C TYR A 76 10.49 -12.51 5.61
N ASN A 77 10.30 -12.95 4.36
CA ASN A 77 11.40 -13.56 3.58
C ASN A 77 11.62 -12.68 2.34
N SER A 78 12.77 -12.02 2.29
CA SER A 78 13.02 -11.07 1.22
C SER A 78 13.23 -11.73 -0.16
N ASN A 79 13.50 -13.04 -0.20
CA ASN A 79 13.64 -13.70 -1.52
C ASN A 79 12.31 -14.03 -2.17
N THR A 80 11.33 -14.48 -1.37
CA THR A 80 10.04 -14.88 -1.90
C THR A 80 9.00 -13.77 -1.72
N LEU A 81 9.33 -12.77 -0.88
CA LEU A 81 8.36 -11.70 -0.51
C LEU A 81 7.17 -12.22 0.29
N ASN A 82 7.28 -13.44 0.81
CA ASN A 82 6.22 -13.95 1.72
C ASN A 82 6.22 -13.11 3.02
N ASN A 83 5.01 -12.74 3.49
CA ASN A 83 4.86 -11.89 4.68
C ASN A 83 5.43 -10.48 4.49
N ASP A 84 5.16 -9.88 3.33
CA ASP A 84 5.66 -8.53 3.01
C ASP A 84 4.78 -7.46 3.65
N ILE A 85 5.06 -7.24 4.93
CA ILE A 85 4.27 -6.34 5.74
C ILE A 85 5.14 -5.80 6.87
N MET A 86 4.98 -4.52 7.18
CA MET A 86 5.71 -3.92 8.26
C MET A 86 4.83 -2.84 8.89
N LEU A 87 5.02 -2.62 10.20
CA LEU A 87 4.37 -1.54 10.93
C LEU A 87 5.37 -0.45 11.31
N ILE A 88 4.92 0.80 11.23
CA ILE A 88 5.75 1.92 11.56
C ILE A 88 5.02 2.73 12.63
N LYS A 89 5.66 2.96 13.76
CA LYS A 89 5.02 3.81 14.80
C LYS A 89 5.52 5.27 14.64
N LEU A 90 4.61 6.22 14.74
CA LEU A 90 4.93 7.64 14.59
C LEU A 90 5.42 8.21 15.94
N LYS A 91 6.35 9.17 15.89
CA LYS A 91 6.85 9.81 17.13
C LYS A 91 5.76 10.55 17.91
N SER A 92 4.79 11.12 17.19
CA SER A 92 3.59 11.75 17.79
C SER A 92 2.35 11.37 17.02
N ALA A 93 1.19 11.44 17.66
CA ALA A 93 -0.07 11.10 17.02
C ALA A 93 -0.40 12.14 15.96
N ALA A 94 -0.83 11.65 14.81
CA ALA A 94 -1.37 12.49 13.76
C ALA A 94 -2.67 13.14 14.24
N SER A 95 -3.01 14.29 13.66
CA SER A 95 -4.30 14.93 13.90
CA SER A 95 -4.30 14.88 13.94
CA SER A 95 -4.28 14.94 13.91
C SER A 95 -5.27 14.50 12.83
N LEU A 96 -6.35 13.83 13.24
CA LEU A 96 -7.32 13.23 12.30
C LEU A 96 -8.57 14.08 12.09
N ASN A 97 -9.04 14.11 10.82
CA ASN A 97 -10.20 14.90 10.26
C ASN A 97 -10.71 14.24 8.92
N SER A 98 -11.33 15.00 8.00
CA SER A 98 -11.83 14.37 6.74
C SER A 98 -10.74 14.13 5.68
N ARG A 99 -9.67 14.92 5.76
CA ARG A 99 -8.55 14.88 4.80
C ARG A 99 -7.36 14.01 5.24
N VAL A 100 -7.21 13.79 6.56
CA VAL A 100 -6.31 12.77 7.10
C VAL A 100 -7.17 11.88 8.01
N ALA A 101 -7.22 10.60 7.72
CA ALA A 101 -8.13 9.68 8.40
C ALA A 101 -7.52 8.30 8.36
N SER A 102 -7.87 7.46 9.32
CA SER A 102 -7.38 6.09 9.32
C SER A 102 -8.32 5.21 8.50
N ILE A 103 -7.80 4.07 8.06
CA ILE A 103 -8.59 3.11 7.31
C ILE A 103 -8.76 1.90 8.24
N SER A 104 -9.94 1.33 8.23
CA SER A 104 -10.25 0.16 9.06
C SER A 104 -9.56 -1.13 8.61
N LEU A 105 -9.11 -1.93 9.57
CA LEU A 105 -8.67 -3.31 9.30
C LEU A 105 -9.89 -4.21 8.97
N PRO A 106 -9.70 -5.24 8.13
CA PRO A 106 -10.82 -6.13 7.78
C PRO A 106 -11.18 -7.10 8.90
N THR A 107 -12.44 -7.52 8.96
CA THR A 107 -12.81 -8.60 9.88
C THR A 107 -12.87 -9.92 9.10
N SER A 108 -12.98 -9.87 7.75
CA SER A 108 -12.86 -11.09 6.94
C SER A 108 -12.12 -10.82 5.64
N CYS A 109 -11.66 -11.88 5.00
CA CYS A 109 -10.94 -11.77 3.74
C CYS A 109 -11.91 -11.47 2.62
N ALA A 110 -11.49 -10.70 1.62
CA ALA A 110 -12.32 -10.35 0.50
C ALA A 110 -12.25 -11.45 -0.56
N SER A 111 -13.34 -11.64 -1.29
CA SER A 111 -13.38 -12.69 -2.32
C SER A 111 -12.96 -12.20 -3.73
N ALA A 112 -12.46 -13.13 -4.56
CA ALA A 112 -12.30 -12.89 -6.00
C ALA A 112 -13.55 -12.20 -6.54
N GLY A 113 -13.35 -11.17 -7.35
CA GLY A 113 -14.46 -10.45 -7.95
C GLY A 113 -14.77 -9.15 -7.25
N THR A 114 -14.29 -8.97 -6.02
CA THR A 114 -14.51 -7.72 -5.27
C THR A 114 -13.70 -6.62 -5.94
N GLN A 115 -14.31 -5.46 -6.14
CA GLN A 115 -13.64 -4.30 -6.70
C GLN A 115 -12.95 -3.51 -5.59
N CYS A 116 -11.73 -3.04 -5.87
CA CYS A 116 -10.91 -2.40 -4.87
C CYS A 116 -10.27 -1.15 -5.43
N LEU A 117 -9.85 -0.27 -4.54
CA LEU A 117 -9.16 0.97 -4.94
C LEU A 117 -7.69 0.87 -4.55
N ILE A 118 -6.81 1.07 -5.52
CA ILE A 118 -5.37 1.00 -5.27
C ILE A 118 -4.85 2.42 -5.59
N SER A 119 -3.90 2.91 -4.84
CA SER A 119 -3.47 4.31 -5.02
C SER A 119 -1.98 4.46 -4.74
N GLY A 120 -1.36 5.50 -5.31
CA GLY A 120 0.05 5.75 -5.02
C GLY A 120 0.71 6.71 -6.00
N TRP A 121 1.97 7.04 -5.71
CA TRP A 121 2.78 7.97 -6.52
C TRP A 121 3.85 7.28 -7.36
N GLY A 122 3.64 5.99 -7.68
CA GLY A 122 4.62 5.24 -8.45
C GLY A 122 4.56 5.50 -9.95
N ASN A 123 5.46 4.84 -10.64
CA ASN A 123 5.62 4.96 -12.09
C ASN A 123 4.32 4.74 -12.85
N THR A 124 4.12 5.57 -13.87
CA THR A 124 2.87 5.53 -14.62
C THR A 124 3.03 4.92 -16.02
N LYS A 125 4.22 4.39 -16.31
CA LYS A 125 4.47 3.77 -17.62
C LYS A 125 4.86 2.29 -17.47
N SER A 126 4.44 1.47 -18.42
CA SER A 126 4.80 0.03 -18.44
C SER A 126 6.16 -0.21 -19.11
N SER A 127 6.52 0.69 -20.02
CA SER A 127 7.87 0.78 -20.56
C SER A 127 8.39 2.20 -20.31
N GLY A 128 9.63 2.30 -19.83
CA GLY A 128 10.16 3.63 -19.54
C GLY A 128 9.69 4.10 -18.17
N THR A 129 9.85 5.40 -17.89
CA THR A 129 9.74 5.95 -16.54
C THR A 129 9.09 7.32 -16.57
N SER A 130 8.05 7.49 -15.76
CA SER A 130 7.45 8.80 -15.58
C SER A 130 6.74 8.79 -14.23
N TYR A 131 7.29 9.54 -13.29
CA TYR A 131 6.74 9.57 -11.94
C TYR A 131 5.86 10.80 -11.80
N PRO A 132 4.63 10.62 -11.30
CA PRO A 132 3.72 11.76 -11.16
C PRO A 132 4.01 12.48 -9.84
N ASP A 133 3.63 13.75 -9.77
CA ASP A 133 3.74 14.47 -8.54
C ASP A 133 2.46 14.32 -7.70
N VAL A 134 1.32 14.05 -8.35
CA VAL A 134 0.04 13.96 -7.64
C VAL A 134 -0.44 12.50 -7.54
N LEU A 135 -1.32 12.23 -6.58
CA LEU A 135 -1.68 10.84 -6.25
C LEU A 135 -2.56 10.27 -7.36
N LYS A 136 -2.24 9.04 -7.78
CA LYS A 136 -2.99 8.35 -8.83
C LYS A 136 -3.75 7.18 -8.23
N CYS A 137 -4.89 6.87 -8.86
CA CYS A 137 -5.87 5.88 -8.36
C CYS A 137 -6.18 4.87 -9.42
N LEU A 138 -6.55 3.65 -9.00
CA LEU A 138 -6.93 2.62 -9.93
C LEU A 138 -7.97 1.76 -9.26
N LYS A 139 -9.06 1.52 -9.97
CA LYS A 139 -10.06 0.52 -9.54
C LYS A 139 -9.74 -0.80 -10.20
N ALA A 140 -9.63 -1.85 -9.39
CA ALA A 140 -9.26 -3.16 -9.91
C ALA A 140 -9.93 -4.27 -9.12
N PRO A 141 -10.32 -5.35 -9.80
CA PRO A 141 -10.90 -6.52 -9.06
C PRO A 141 -9.82 -7.46 -8.50
N ILE A 142 -10.15 -8.13 -7.42
CA ILE A 142 -9.38 -9.27 -6.94
C ILE A 142 -9.61 -10.45 -7.88
N LEU A 143 -8.51 -11.11 -8.28
CA LEU A 143 -8.57 -12.24 -9.16
C LEU A 143 -8.68 -13.51 -8.35
N SER A 144 -9.21 -14.55 -8.99
CA SER A 144 -9.26 -15.86 -8.36
C SER A 144 -7.85 -16.40 -8.06
N ASP A 145 -7.76 -17.19 -6.99
CA ASP A 145 -6.49 -17.86 -6.66
C ASP A 145 -5.94 -18.71 -7.79
N SER A 146 -6.83 -19.36 -8.54
CA SER A 146 -6.41 -20.18 -9.68
C SER A 146 -5.75 -19.35 -10.79
N SER A 147 -6.35 -18.20 -11.13
CA SER A 147 -5.77 -17.25 -12.07
C SER A 147 -4.42 -16.76 -11.62
N CYS A 148 -4.34 -16.46 -10.33
CA CYS A 148 -3.17 -15.86 -9.75
C CYS A 148 -2.01 -16.86 -9.78
N LYS A 149 -2.28 -18.11 -9.36
CA LYS A 149 -1.26 -19.19 -9.41
C LYS A 149 -0.84 -19.61 -10.81
N SER A 150 -1.77 -19.53 -11.74
CA SER A 150 -1.45 -19.81 -13.14
C SER A 150 -0.56 -18.73 -13.75
N ALA A 151 -0.72 -17.48 -13.30
CA ALA A 151 0.11 -16.39 -13.81
C ALA A 151 1.54 -16.46 -13.25
N TYR A 152 1.66 -16.93 -12.03
CA TYR A 152 2.93 -16.98 -11.32
C TYR A 152 3.15 -18.36 -10.68
N PRO A 153 3.40 -19.39 -11.52
CA PRO A 153 3.55 -20.75 -10.98
C PRO A 153 4.64 -20.82 -9.90
N GLY A 154 4.32 -21.48 -8.78
CA GLY A 154 5.27 -21.71 -7.69
C GLY A 154 5.63 -20.51 -6.84
N GLN A 155 4.93 -19.38 -7.02
CA GLN A 155 5.32 -18.14 -6.34
C GLN A 155 4.27 -17.55 -5.41
N ILE A 156 3.04 -18.01 -5.52
CA ILE A 156 1.95 -17.42 -4.75
C ILE A 156 1.71 -18.23 -3.50
N THR A 157 1.90 -17.57 -2.34
CA THR A 157 1.58 -18.23 -1.07
C THR A 157 0.17 -17.86 -0.62
N SER A 158 -0.28 -18.47 0.48
CA SER A 158 -1.56 -18.15 1.11
C SER A 158 -1.62 -16.71 1.63
N ASN A 159 -0.47 -16.05 1.70
CA ASN A 159 -0.42 -14.65 2.18
C ASN A 159 -0.45 -13.59 1.09
N MET A 160 -0.90 -14.01 -0.10
CA MET A 160 -0.81 -13.15 -1.29
C MET A 160 -2.09 -13.30 -2.07
N PHE A 161 -2.49 -12.22 -2.72
CA PHE A 161 -3.54 -12.35 -3.73
C PHE A 161 -3.16 -11.49 -4.95
N CYS A 162 -3.80 -11.80 -6.09
CA CYS A 162 -3.61 -11.04 -7.31
C CYS A 162 -4.77 -10.11 -7.49
N ALA A 163 -4.52 -8.90 -7.99
CA ALA A 163 -5.62 -7.99 -8.35
C ALA A 163 -5.20 -7.26 -9.61
N GLY A 164 -6.17 -6.94 -10.46
CA GLY A 164 -5.79 -6.28 -11.69
C GLY A 164 -6.48 -6.86 -12.90
N TYR A 165 -5.78 -6.85 -14.04
CA TYR A 165 -6.34 -7.21 -15.35
C TYR A 165 -5.39 -8.11 -16.10
N LEU A 166 -5.84 -9.31 -16.43
CA LEU A 166 -4.97 -10.25 -17.14
C LEU A 166 -4.59 -9.72 -18.52
N GLU A 167 -5.45 -8.87 -19.10
CA GLU A 167 -5.19 -8.24 -20.41
C GLU A 167 -4.06 -7.20 -20.35
N GLY A 168 -3.67 -6.75 -19.16
CA GLY A 168 -2.60 -5.76 -19.01
C GLY A 168 -3.11 -4.33 -19.13
N GLY A 169 -2.18 -3.36 -19.15
CA GLY A 169 -2.54 -1.96 -19.34
C GLY A 169 -2.87 -1.18 -18.09
N LYS A 170 -3.23 -1.88 -17.00
CA LYS A 170 -3.65 -1.22 -15.75
C LYS A 170 -3.08 -2.00 -14.55
N ASP A 171 -2.29 -1.32 -13.72
CA ASP A 171 -1.59 -2.03 -12.65
C ASP A 171 -0.96 -1.02 -11.69
N SER A 172 -0.56 -1.50 -10.52
CA SER A 172 0.36 -0.71 -9.72
C SER A 172 1.80 -0.92 -10.25
N CYS A 173 2.74 -0.17 -9.69
CA CYS A 173 4.11 -0.20 -10.24
C CYS A 173 5.15 0.23 -9.20
N GLN A 174 6.43 0.23 -9.57
CA GLN A 174 7.52 0.67 -8.67
C GLN A 174 7.19 2.02 -8.07
N GLY A 175 7.35 2.16 -6.75
CA GLY A 175 7.03 3.40 -6.11
C GLY A 175 5.62 3.38 -5.52
N ASP A 176 4.78 2.45 -5.95
CA ASP A 176 3.47 2.28 -5.28
C ASP A 176 3.58 1.31 -4.13
N SER A 177 4.71 0.59 -4.05
CA SER A 177 4.91 -0.44 -3.02
C SER A 177 4.57 0.08 -1.64
N GLY A 178 3.98 -0.78 -0.82
CA GLY A 178 3.64 -0.39 0.54
C GLY A 178 2.24 0.24 0.66
N GLY A 179 1.69 0.75 -0.44
CA GLY A 179 0.42 1.47 -0.44
C GLY A 179 -0.81 0.57 -0.33
N PRO A 180 -2.00 1.17 -0.18
CA PRO A 180 -3.23 0.48 0.16
C PRO A 180 -3.97 -0.13 -1.01
N VAL A 181 -4.64 -1.25 -0.71
CA VAL A 181 -5.69 -1.82 -1.55
C VAL A 181 -6.88 -1.86 -0.63
N VAL A 182 -7.87 -1.03 -0.92
CA VAL A 182 -9.07 -0.90 -0.09
C VAL A 182 -10.30 -1.41 -0.85
N CYS A 183 -11.08 -2.25 -0.16
CA CYS A 183 -12.24 -2.88 -0.75
C CYS A 183 -13.33 -2.81 0.26
N SER A 184 -14.45 -2.23 -0.14
CA SER A 184 -15.61 -2.04 0.73
C SER A 184 -15.21 -1.32 2.02
N GLY A 185 -14.35 -0.31 1.90
CA GLY A 185 -13.99 0.52 3.03
C GLY A 185 -13.05 -0.13 4.04
N LYS A 186 -12.41 -1.25 3.67
CA LYS A 186 -11.45 -1.92 4.58
C LYS A 186 -10.12 -2.11 3.87
N LEU A 187 -9.02 -2.11 4.66
CA LEU A 187 -7.72 -2.37 4.03
C LEU A 187 -7.55 -3.88 3.76
N GLN A 188 -7.54 -4.32 2.51
CA GLN A 188 -7.38 -5.75 2.23
C GLN A 188 -6.02 -6.11 1.70
N GLY A 189 -5.28 -5.14 1.16
CA GLY A 189 -4.01 -5.49 0.52
C GLY A 189 -2.96 -4.41 0.70
N ILE A 190 -1.70 -4.80 0.49
CA ILE A 190 -0.56 -3.88 0.47
C ILE A 190 0.13 -4.17 -0.86
N VAL A 191 0.44 -3.12 -1.60
CA VAL A 191 1.17 -3.25 -2.85
C VAL A 191 2.52 -3.93 -2.61
N SER A 192 2.74 -5.10 -3.24
CA SER A 192 3.94 -5.89 -2.89
C SER A 192 4.86 -6.14 -4.10
N TRP A 193 4.38 -6.83 -5.13
CA TRP A 193 5.25 -7.15 -6.26
C TRP A 193 4.54 -7.48 -7.56
N GLY A 194 5.30 -7.73 -8.63
CA GLY A 194 4.70 -8.10 -9.90
C GLY A 194 5.88 -8.22 -10.84
N SER A 195 5.67 -8.85 -11.98
CA SER A 195 6.71 -8.92 -13.00
C SER A 195 6.53 -7.75 -13.98
N GLY A 196 7.39 -6.73 -13.88
CA GLY A 196 7.18 -5.48 -14.63
C GLY A 196 5.90 -4.85 -14.12
N CYS A 197 5.24 -4.07 -14.96
CA CYS A 197 3.99 -3.40 -14.58
C CYS A 197 3.05 -3.43 -15.76
N ALA A 198 1.79 -3.79 -15.52
CA ALA A 198 0.76 -3.70 -16.52
C ALA A 198 1.01 -4.61 -17.76
N GLN A 199 1.82 -5.65 -17.57
CA GLN A 199 2.09 -6.65 -18.64
C GLN A 199 0.93 -7.65 -18.74
N LYS A 200 0.69 -8.14 -19.96
CA LYS A 200 -0.31 -9.19 -20.16
C LYS A 200 0.02 -10.43 -19.34
N ASN A 201 -1.00 -11.02 -18.71
CA ASN A 201 -0.91 -12.23 -17.88
C ASN A 201 0.01 -12.10 -16.65
N LYS A 202 0.34 -10.88 -16.27
CA LYS A 202 1.20 -10.63 -15.10
C LYS A 202 0.57 -9.56 -14.18
N PRO A 203 -0.52 -9.92 -13.49
CA PRO A 203 -1.18 -8.93 -12.63
C PRO A 203 -0.35 -8.60 -11.40
N GLY A 204 -0.78 -7.58 -10.66
CA GLY A 204 -0.12 -7.22 -9.40
C GLY A 204 -0.38 -8.24 -8.31
N VAL A 205 0.61 -8.40 -7.42
CA VAL A 205 0.49 -9.32 -6.31
C VAL A 205 0.54 -8.47 -5.04
N TYR A 206 -0.35 -8.77 -4.12
CA TYR A 206 -0.60 -7.95 -2.94
C TYR A 206 -0.52 -8.77 -1.65
N THR A 207 0.00 -8.19 -0.59
CA THR A 207 -0.01 -8.85 0.71
C THR A 207 -1.44 -8.96 1.21
N LYS A 208 -1.82 -10.15 1.68
CA LYS A 208 -3.22 -10.40 2.09
C LYS A 208 -3.41 -10.00 3.56
N VAL A 209 -3.81 -8.76 3.78
CA VAL A 209 -3.87 -8.18 5.11
C VAL A 209 -4.76 -8.96 6.11
N CYS A 210 -5.87 -9.55 5.65
CA CYS A 210 -6.76 -10.26 6.59
C CYS A 210 -6.05 -11.39 7.35
N ASN A 211 -4.91 -11.87 6.84
CA ASN A 211 -4.14 -12.92 7.54
C ASN A 211 -3.30 -12.38 8.70
N TYR A 212 -3.19 -11.05 8.81
CA TYR A 212 -2.27 -10.41 9.76
C TYR A 212 -2.95 -9.60 10.83
N VAL A 213 -4.27 -9.62 10.87
CA VAL A 213 -4.98 -8.73 11.79
C VAL A 213 -4.59 -8.99 13.24
N SER A 214 -4.46 -10.25 13.62
CA SER A 214 -4.12 -10.51 15.03
C SER A 214 -2.72 -10.05 15.38
N TRP A 215 -1.77 -10.27 14.46
CA TRP A 215 -0.41 -9.77 14.67
C TRP A 215 -0.41 -8.24 14.78
N ILE A 216 -1.15 -7.56 13.91
CA ILE A 216 -1.15 -6.10 13.92
C ILE A 216 -1.74 -5.64 15.25
N LYS A 217 -2.91 -6.17 15.61
CA LYS A 217 -3.54 -5.74 16.87
C LYS A 217 -2.68 -5.99 18.11
N GLN A 218 -2.06 -7.16 18.20
CA GLN A 218 -1.22 -7.51 19.35
C GLN A 218 0.01 -6.59 19.41
N THR A 219 0.58 -6.32 18.23
CA THR A 219 1.77 -5.51 18.15
C THR A 219 1.49 -4.07 18.58
N ILE A 220 0.43 -3.48 18.04
CA ILE A 220 -0.05 -2.15 18.41
CA ILE A 220 0.04 -2.13 18.42
C ILE A 220 -0.29 -2.02 19.92
N ALA A 221 -0.85 -3.07 20.49
CA ALA A 221 -1.26 -3.03 21.91
C ALA A 221 -0.11 -3.05 22.88
N SER A 222 1.09 -3.41 22.41
CA SER A 222 2.23 -3.59 23.29
C SER A 222 3.43 -2.73 22.95
N ASN A 223 3.29 -1.83 21.99
CA ASN A 223 4.43 -1.04 21.56
C ASN A 223 4.10 0.43 21.49
CA CA B . 2.35 18.41 -0.69
C1 BEN C . 4.24 -4.06 -9.18
C2 BEN C . 4.01 -3.49 -7.92
C3 BEN C . 5.04 -3.06 -7.10
C4 BEN C . 6.37 -3.22 -7.52
C5 BEN C . 6.61 -3.82 -8.76
C6 BEN C . 5.56 -4.23 -9.59
C BEN C . 3.16 -4.48 -9.98
N1 BEN C . 1.91 -4.52 -9.52
N2 BEN C . 3.34 -4.85 -11.24
N SAR D . 11.68 0.81 -3.85
CA SAR D . 10.33 1.16 -4.33
C SAR D . 9.42 -0.04 -4.65
O SAR D . 9.74 -1.20 -4.33
CN SAR D . 11.99 0.70 -2.43
OXT SAR D . 8.31 0.13 -5.21
N SAR E . -16.24 8.02 -5.40
CA SAR E . -15.92 6.79 -4.66
C SAR E . -15.93 5.61 -5.60
O SAR E . -16.42 4.54 -5.26
CN SAR E . -15.28 9.09 -5.35
OXT SAR E . -15.45 5.73 -6.72
#